data_8C7D
#
_entry.id   8C7D
#
_cell.length_a   27.324
_cell.length_b   74.478
_cell.length_c   100.121
_cell.angle_alpha   90.000
_cell.angle_beta   90.000
_cell.angle_gamma   90.000
#
_symmetry.space_group_name_H-M   'P 21 21 21'
#
loop_
_entity.id
_entity.type
_entity.pdbx_description
1 polymer Kalirin
2 water water
#
_entity_poly.entity_id   1
_entity_poly.type   'polypeptide(L)'
_entity_poly.pdbx_seq_one_letter_code
;SMKNPEEEQKAKALRGRMFVLNELVQTEKDYVKDLGIVVEGFMKRIEEKGVPEDMRGKDKIVFGNIHQIYDWHKDFFLAE
LEKCIQEQDRLAQLFIKHERKLHIYVWYCQNKPRSEYIVAEYDAYFEEVKQEINQRLTLSDFLIKPIQRITKYQLLLKDF
LRYSEKAGLECSDIEKAVELMCLVPKRCNDMMNLGRLQGFE
;
_entity_poly.pdbx_strand_id   A
#
# COMPACT_ATOMS: atom_id res chain seq x y z
N GLU A 6 10.71 -35.90 -5.72
CA GLU A 6 9.98 -35.34 -6.85
C GLU A 6 8.65 -34.75 -6.40
N GLU A 7 7.66 -35.62 -6.17
CA GLU A 7 6.39 -35.17 -5.61
C GLU A 7 6.56 -34.62 -4.20
N GLU A 8 7.70 -34.87 -3.55
CA GLU A 8 8.04 -34.17 -2.31
C GLU A 8 8.50 -32.74 -2.58
N GLN A 9 9.10 -32.48 -3.74
CA GLN A 9 9.46 -31.11 -4.07
C GLN A 9 8.22 -30.29 -4.39
N LYS A 10 7.24 -30.90 -5.06
CA LYS A 10 5.97 -30.20 -5.31
C LYS A 10 5.24 -29.88 -4.00
N ALA A 11 5.30 -30.78 -3.01
CA ALA A 11 4.59 -30.52 -1.75
C ALA A 11 5.22 -29.34 -1.01
N LYS A 12 6.56 -29.30 -0.93
CA LYS A 12 7.22 -28.10 -0.41
C LYS A 12 6.79 -26.86 -1.18
N ALA A 13 6.73 -26.94 -2.51
CA ALA A 13 6.39 -25.76 -3.30
C ALA A 13 4.96 -25.29 -3.02
N LEU A 14 4.02 -26.22 -2.92
CA LEU A 14 2.65 -25.84 -2.53
C LEU A 14 2.62 -25.21 -1.15
N ARG A 15 3.44 -25.73 -0.22
CA ARG A 15 3.56 -25.11 1.10
C ARG A 15 4.05 -23.67 0.97
N GLY A 16 5.15 -23.48 0.21
CA GLY A 16 5.69 -22.14 0.01
C GLY A 16 4.63 -21.18 -0.46
N ARG A 17 3.72 -21.66 -1.28
CA ARG A 17 2.72 -20.80 -1.90
C ARG A 17 1.60 -20.43 -0.91
N MET A 18 1.21 -21.35 -0.02
CA MET A 18 0.32 -20.97 1.08
C MET A 18 1.01 -20.00 2.02
N PHE A 19 2.31 -20.20 2.26
CA PHE A 19 3.03 -19.29 3.14
C PHE A 19 2.96 -17.86 2.63
N VAL A 20 3.22 -17.68 1.33
CA VAL A 20 3.21 -16.34 0.72
C VAL A 20 1.83 -15.72 0.84
N LEU A 21 0.79 -16.52 0.63
CA LEU A 21 -0.56 -16.01 0.79
C LEU A 21 -0.84 -15.60 2.23
N ASN A 22 -0.36 -16.39 3.21
CA ASN A 22 -0.57 -16.03 4.61
C ASN A 22 0.15 -14.73 4.95
N GLU A 23 1.35 -14.55 4.39
CA GLU A 23 2.12 -13.31 4.58
C GLU A 23 1.43 -12.13 3.89
N LEU A 24 0.86 -12.37 2.71
N LEU A 24 0.90 -12.36 2.69
CA LEU A 24 0.10 -11.32 2.04
CA LEU A 24 0.09 -11.35 2.03
C LEU A 24 -1.11 -10.88 2.87
C LEU A 24 -1.06 -10.89 2.92
N VAL A 25 -1.83 -11.83 3.46
CA VAL A 25 -3.02 -11.45 4.24
C VAL A 25 -2.62 -10.77 5.54
N GLN A 26 -1.62 -11.31 6.23
CA GLN A 26 -1.25 -10.71 7.51
C GLN A 26 -0.68 -9.31 7.32
N THR A 27 0.21 -9.14 6.33
CA THR A 27 0.71 -7.80 6.10
C THR A 27 -0.40 -6.88 5.60
N GLU A 28 -1.42 -7.44 4.94
CA GLU A 28 -2.56 -6.62 4.56
C GLU A 28 -3.32 -6.14 5.79
N LYS A 29 -3.54 -7.03 6.76
CA LYS A 29 -4.20 -6.60 7.98
C LYS A 29 -3.43 -5.50 8.65
N ASP A 30 -2.10 -5.64 8.72
CA ASP A 30 -1.31 -4.60 9.36
C ASP A 30 -1.28 -3.33 8.51
N TYR A 31 -1.32 -3.46 7.18
CA TYR A 31 -1.44 -2.30 6.31
C TYR A 31 -2.73 -1.54 6.58
N VAL A 32 -3.85 -2.26 6.67
CA VAL A 32 -5.12 -1.59 6.96
C VAL A 32 -5.08 -0.92 8.33
N LYS A 33 -4.54 -1.60 9.35
CA LYS A 33 -4.39 -0.96 10.66
C LYS A 33 -3.60 0.35 10.56
N ASP A 34 -2.48 0.31 9.83
CA ASP A 34 -1.64 1.50 9.69
C ASP A 34 -2.35 2.64 8.97
N LEU A 35 -3.07 2.33 7.88
CA LEU A 35 -3.87 3.38 7.24
C LEU A 35 -4.93 3.90 8.20
N GLY A 36 -5.49 3.00 9.03
CA GLY A 36 -6.46 3.43 10.03
C GLY A 36 -5.88 4.41 11.03
N ILE A 37 -4.60 4.22 11.40
CA ILE A 37 -3.97 5.20 12.27
C ILE A 37 -3.89 6.56 11.58
N VAL A 38 -3.60 6.59 10.28
CA VAL A 38 -3.54 7.87 9.59
C VAL A 38 -4.90 8.53 9.60
N VAL A 39 -5.90 7.80 9.12
CA VAL A 39 -7.25 8.33 8.95
C VAL A 39 -7.96 8.49 10.30
N GLU A 40 -8.15 7.39 11.03
CA GLU A 40 -8.86 7.46 12.32
C GLU A 40 -8.02 8.02 13.47
N GLY A 41 -6.70 8.17 13.31
CA GLY A 41 -5.87 8.75 14.36
C GLY A 41 -5.36 10.14 14.04
N PHE A 42 -4.40 10.26 13.11
CA PHE A 42 -3.83 11.57 12.78
C PHE A 42 -4.90 12.55 12.26
N MET A 43 -5.70 12.13 11.28
CA MET A 43 -6.64 13.08 10.69
C MET A 43 -7.76 13.43 11.66
N LYS A 44 -8.19 12.47 12.47
CA LYS A 44 -9.22 12.75 13.47
C LYS A 44 -8.68 13.71 14.54
N ARG A 45 -7.47 13.45 15.03
CA ARG A 45 -6.87 14.36 15.99
C ARG A 45 -6.77 15.79 15.46
N ILE A 46 -6.47 15.94 14.16
CA ILE A 46 -6.28 17.28 13.61
C ILE A 46 -7.59 18.05 13.61
N GLU A 47 -8.72 17.39 13.28
CA GLU A 47 -10.03 18.03 13.39
C GLU A 47 -10.36 18.43 14.83
N GLU A 48 -10.03 17.57 15.80
CA GLU A 48 -10.24 17.94 17.20
C GLU A 48 -9.38 19.14 17.58
N LYS A 49 -8.11 19.11 17.17
CA LYS A 49 -7.09 20.05 17.64
C LYS A 49 -7.20 21.39 16.93
N GLY A 50 -7.74 21.38 15.71
CA GLY A 50 -7.73 22.57 14.90
C GLY A 50 -6.35 22.84 14.30
N VAL A 51 -6.31 23.50 13.16
CA VAL A 51 -5.05 23.85 12.50
C VAL A 51 -4.82 25.36 12.68
N PRO A 52 -3.60 25.77 13.00
CA PRO A 52 -3.27 27.21 13.00
C PRO A 52 -3.68 27.90 11.70
N GLU A 53 -4.02 29.19 11.78
CA GLU A 53 -4.58 29.87 10.62
C GLU A 53 -3.63 29.84 9.44
N ASP A 54 -2.33 29.87 9.70
CA ASP A 54 -1.32 29.78 8.65
C ASP A 54 -1.46 28.51 7.81
N MET A 55 -2.08 27.44 8.35
CA MET A 55 -2.12 26.17 7.62
C MET A 55 -3.45 25.90 6.94
N ARG A 56 -4.43 26.79 7.06
CA ARG A 56 -5.79 26.54 6.56
C ARG A 56 -5.75 25.82 5.21
N GLY A 57 -6.44 24.68 5.13
CA GLY A 57 -6.52 23.89 3.92
C GLY A 57 -5.30 23.07 3.57
N LYS A 58 -4.13 23.38 4.13
CA LYS A 58 -2.94 22.64 3.76
C LYS A 58 -2.99 21.18 4.24
N ASP A 59 -3.75 20.86 5.30
CA ASP A 59 -3.90 19.47 5.70
C ASP A 59 -4.47 18.61 4.58
N LYS A 60 -5.31 19.19 3.72
CA LYS A 60 -5.83 18.42 2.58
C LYS A 60 -4.71 18.01 1.63
N ILE A 61 -3.72 18.89 1.43
CA ILE A 61 -2.57 18.52 0.60
C ILE A 61 -1.75 17.42 1.26
N VAL A 62 -1.52 17.54 2.58
CA VAL A 62 -0.72 16.55 3.29
C VAL A 62 -1.29 15.14 3.09
N PHE A 63 -2.58 14.96 3.33
CA PHE A 63 -3.14 13.61 3.31
C PHE A 63 -3.63 13.20 1.93
N GLY A 64 -3.85 14.14 1.03
CA GLY A 64 -4.16 13.76 -0.33
C GLY A 64 -5.35 12.83 -0.38
N ASN A 65 -5.20 11.72 -1.10
CA ASN A 65 -6.29 10.79 -1.32
C ASN A 65 -6.13 9.53 -0.49
N ILE A 66 -5.49 9.63 0.68
CA ILE A 66 -5.18 8.41 1.42
C ILE A 66 -6.47 7.76 1.91
N HIS A 67 -7.51 8.56 2.18
CA HIS A 67 -8.79 7.98 2.58
C HIS A 67 -9.34 7.04 1.51
N GLN A 68 -9.18 7.41 0.23
CA GLN A 68 -9.62 6.57 -0.88
C GLN A 68 -8.89 5.23 -0.86
N ILE A 69 -7.61 5.25 -0.51
CA ILE A 69 -6.82 4.02 -0.38
C ILE A 69 -7.27 3.23 0.85
N TYR A 70 -7.41 3.92 2.00
CA TYR A 70 -7.90 3.26 3.21
C TYR A 70 -9.22 2.53 2.96
N ASP A 71 -10.21 3.23 2.42
CA ASP A 71 -11.51 2.62 2.19
C ASP A 71 -11.41 1.42 1.27
N TRP A 72 -10.60 1.51 0.21
CA TRP A 72 -10.59 0.41 -0.75
C TRP A 72 -10.00 -0.86 -0.15
N HIS A 73 -8.95 -0.74 0.65
CA HIS A 73 -8.37 -1.91 1.29
C HIS A 73 -9.20 -2.42 2.46
N LYS A 74 -9.68 -1.51 3.33
CA LYS A 74 -10.48 -1.90 4.48
C LYS A 74 -11.80 -2.52 4.06
N ASP A 75 -12.43 -1.97 3.02
CA ASP A 75 -13.78 -2.38 2.67
C ASP A 75 -13.83 -3.40 1.55
N PHE A 76 -12.73 -3.59 0.80
CA PHE A 76 -12.82 -4.51 -0.33
C PHE A 76 -11.61 -5.43 -0.43
N PHE A 77 -10.41 -4.84 -0.53
CA PHE A 77 -9.25 -5.63 -0.95
C PHE A 77 -8.84 -6.63 0.12
N LEU A 78 -8.87 -6.22 1.40
CA LEU A 78 -8.47 -7.16 2.45
C LEU A 78 -9.38 -8.39 2.44
N ALA A 79 -10.69 -8.19 2.34
CA ALA A 79 -11.60 -9.33 2.31
C ALA A 79 -11.37 -10.19 1.06
N GLU A 80 -11.05 -9.57 -0.08
CA GLU A 80 -10.82 -10.37 -1.28
C GLU A 80 -9.53 -11.18 -1.17
N LEU A 81 -8.50 -10.60 -0.54
CA LEU A 81 -7.28 -11.38 -0.27
C LEU A 81 -7.56 -12.53 0.69
N GLU A 82 -8.35 -12.29 1.74
CA GLU A 82 -8.69 -13.39 2.65
C GLU A 82 -9.36 -14.53 1.88
N LYS A 83 -10.26 -14.18 0.95
CA LYS A 83 -10.90 -15.21 0.13
C LYS A 83 -9.89 -15.99 -0.71
N CYS A 84 -8.72 -15.42 -1.00
CA CYS A 84 -7.72 -16.13 -1.78
C CYS A 84 -7.03 -17.26 -1.01
N ILE A 85 -7.04 -17.20 0.31
CA ILE A 85 -6.45 -18.29 1.08
C ILE A 85 -7.16 -19.61 0.78
N GLN A 86 -8.49 -19.55 0.61
N GLN A 86 -8.49 -19.56 0.61
CA GLN A 86 -9.26 -20.74 0.26
CA GLN A 86 -9.23 -20.76 0.26
C GLN A 86 -9.31 -21.01 -1.24
C GLN A 86 -9.29 -21.02 -1.24
N GLU A 87 -9.30 -19.97 -2.07
CA GLU A 87 -9.36 -20.09 -3.53
C GLU A 87 -8.11 -19.44 -4.12
N GLN A 88 -7.03 -20.21 -4.23
CA GLN A 88 -5.71 -19.65 -4.56
C GLN A 88 -5.66 -19.00 -5.93
N ASP A 89 -6.29 -19.60 -6.93
CA ASP A 89 -6.13 -19.09 -8.29
C ASP A 89 -6.82 -17.75 -8.50
N ARG A 90 -7.69 -17.35 -7.57
CA ARG A 90 -8.31 -16.03 -7.66
C ARG A 90 -7.32 -14.90 -7.42
N LEU A 91 -6.12 -15.20 -6.89
CA LEU A 91 -5.19 -14.14 -6.50
C LEU A 91 -4.71 -13.33 -7.71
N ALA A 92 -4.21 -14.02 -8.74
CA ALA A 92 -3.71 -13.32 -9.94
C ALA A 92 -4.81 -12.44 -10.54
N GLN A 93 -6.00 -13.00 -10.73
CA GLN A 93 -7.09 -12.21 -11.30
C GLN A 93 -7.47 -11.05 -10.40
N LEU A 94 -7.26 -11.18 -9.09
CA LEU A 94 -7.62 -10.08 -8.20
C LEU A 94 -6.78 -8.86 -8.54
N PHE A 95 -5.48 -9.05 -8.77
CA PHE A 95 -4.63 -7.92 -9.16
C PHE A 95 -4.90 -7.48 -10.59
N ILE A 96 -5.12 -8.44 -11.50
CA ILE A 96 -5.31 -8.10 -12.91
C ILE A 96 -6.59 -7.31 -13.11
N LYS A 97 -7.71 -7.81 -12.57
CA LYS A 97 -9.01 -7.21 -12.87
C LYS A 97 -9.17 -5.81 -12.26
N HIS A 98 -8.34 -5.45 -11.28
CA HIS A 98 -8.43 -4.12 -10.67
C HIS A 98 -7.24 -3.23 -11.03
N GLU A 99 -6.66 -3.43 -12.22
CA GLU A 99 -5.52 -2.61 -12.63
C GLU A 99 -5.87 -1.13 -12.63
N ARG A 100 -7.06 -0.78 -13.13
CA ARG A 100 -7.43 0.63 -13.18
C ARG A 100 -7.53 1.23 -11.78
N LYS A 101 -7.87 0.40 -10.77
CA LYS A 101 -7.97 0.95 -9.42
C LYS A 101 -6.63 1.39 -8.89
N LEU A 102 -5.54 0.79 -9.40
CA LEU A 102 -4.17 1.12 -8.98
C LEU A 102 -3.76 2.55 -9.33
N HIS A 103 -4.53 3.27 -10.14
CA HIS A 103 -4.23 4.67 -10.35
C HIS A 103 -4.35 5.48 -9.07
N ILE A 104 -5.07 4.98 -8.06
CA ILE A 104 -5.11 5.75 -6.83
C ILE A 104 -3.73 5.82 -6.22
N TYR A 105 -2.91 4.77 -6.41
CA TYR A 105 -1.53 4.82 -5.92
C TYR A 105 -0.67 5.78 -6.73
N VAL A 106 -0.76 5.70 -8.06
CA VAL A 106 0.02 6.60 -8.91
C VAL A 106 -0.35 8.06 -8.63
N TRP A 107 -1.65 8.30 -8.38
CA TRP A 107 -2.09 9.62 -7.97
C TRP A 107 -1.46 10.01 -6.63
N TYR A 108 -1.45 9.09 -5.68
CA TYR A 108 -0.81 9.32 -4.40
C TYR A 108 0.65 9.69 -4.58
N CYS A 109 1.36 8.97 -5.46
CA CYS A 109 2.80 9.24 -5.64
C CYS A 109 3.03 10.62 -6.22
N GLN A 110 2.18 11.05 -7.16
CA GLN A 110 2.44 12.34 -7.79
C GLN A 110 2.29 13.50 -6.82
N ASN A 111 1.31 13.41 -5.93
CA ASN A 111 1.16 14.41 -4.89
C ASN A 111 2.20 14.27 -3.77
N LYS A 112 3.05 13.25 -3.77
CA LYS A 112 3.92 13.02 -2.62
C LYS A 112 4.91 14.15 -2.36
N PRO A 113 5.59 14.73 -3.36
CA PRO A 113 6.52 15.84 -3.06
C PRO A 113 5.87 17.03 -2.37
N ARG A 114 4.66 17.43 -2.79
CA ARG A 114 3.95 18.51 -2.11
C ARG A 114 3.63 18.12 -0.67
N SER A 115 3.16 16.88 -0.45
CA SER A 115 2.85 16.44 0.90
C SER A 115 4.10 16.49 1.79
N GLU A 116 5.20 15.92 1.30
CA GLU A 116 6.47 15.93 2.04
C GLU A 116 6.85 17.34 2.46
N TYR A 117 6.63 18.31 1.57
CA TYR A 117 7.01 19.68 1.88
C TYR A 117 6.19 20.23 3.03
N ILE A 118 4.87 20.05 2.98
CA ILE A 118 4.03 20.62 4.03
C ILE A 118 4.25 19.88 5.35
N VAL A 119 4.48 18.55 5.29
CA VAL A 119 4.73 17.81 6.53
C VAL A 119 6.00 18.30 7.21
N ALA A 120 7.05 18.59 6.42
CA ALA A 120 8.29 19.11 7.00
C ALA A 120 8.13 20.56 7.43
N GLU A 121 7.46 21.36 6.60
CA GLU A 121 7.26 22.76 6.95
C GLU A 121 6.52 22.90 8.28
N TYR A 122 5.56 22.01 8.54
CA TYR A 122 4.78 22.07 9.78
C TYR A 122 5.19 20.95 10.73
N ASP A 123 6.50 20.72 10.84
CA ASP A 123 6.97 19.52 11.53
C ASP A 123 6.58 19.55 13.02
N ALA A 124 6.72 20.71 13.68
CA ALA A 124 6.38 20.80 15.10
C ALA A 124 4.92 20.46 15.35
N TYR A 125 4.01 21.00 14.53
CA TYR A 125 2.59 20.68 14.63
C TYR A 125 2.35 19.18 14.49
N PHE A 126 2.86 18.56 13.42
CA PHE A 126 2.60 17.15 13.23
C PHE A 126 3.33 16.30 14.27
N GLU A 127 4.44 16.79 14.83
CA GLU A 127 5.06 16.06 15.93
C GLU A 127 4.15 16.09 17.16
N GLU A 128 3.45 17.22 17.37
CA GLU A 128 2.46 17.28 18.46
C GLU A 128 1.34 16.29 18.23
N VAL A 129 0.80 16.27 17.00
CA VAL A 129 -0.29 15.35 16.68
C VAL A 129 0.10 13.93 17.01
N LYS A 130 1.31 13.53 16.58
CA LYS A 130 1.80 12.19 16.85
C LYS A 130 1.78 11.88 18.35
N GLN A 131 2.33 12.79 19.15
CA GLN A 131 2.32 12.59 20.61
C GLN A 131 0.90 12.49 21.13
N GLU A 132 0.04 13.38 20.67
CA GLU A 132 -1.33 13.44 21.16
C GLU A 132 -2.17 12.25 20.74
N ILE A 133 -1.69 11.38 19.85
CA ILE A 133 -2.34 10.11 19.59
C ILE A 133 -1.51 8.93 20.04
N ASN A 134 -0.39 9.20 20.72
CA ASN A 134 0.40 8.17 21.38
C ASN A 134 1.00 7.20 20.36
N GLN A 135 1.48 7.72 19.23
CA GLN A 135 2.16 6.91 18.22
C GLN A 135 3.66 7.05 18.36
N ARG A 136 4.39 5.96 18.07
CA ARG A 136 5.84 6.04 18.05
C ARG A 136 6.36 6.52 16.69
N LEU A 137 5.70 6.17 15.59
CA LEU A 137 6.20 6.55 14.27
C LEU A 137 5.71 7.94 13.89
N THR A 138 6.55 8.69 13.17
CA THR A 138 6.19 10.03 12.72
C THR A 138 5.15 9.97 11.60
N LEU A 139 4.53 11.13 11.34
CA LEU A 139 3.58 11.16 10.23
C LEU A 139 4.25 10.79 8.92
N SER A 140 5.52 11.20 8.73
N SER A 140 5.51 11.20 8.72
CA SER A 140 6.21 10.87 7.49
CA SER A 140 6.21 10.86 7.49
C SER A 140 6.41 9.36 7.36
C SER A 140 6.39 9.36 7.36
N ASP A 141 6.70 8.68 8.47
CA ASP A 141 6.88 7.24 8.40
C ASP A 141 5.56 6.52 8.05
N PHE A 142 4.39 7.10 8.41
CA PHE A 142 3.13 6.52 7.98
C PHE A 142 2.80 6.82 6.52
N LEU A 143 3.04 8.05 6.07
CA LEU A 143 2.64 8.44 4.71
C LEU A 143 3.46 7.75 3.63
N ILE A 144 4.58 7.13 3.99
CA ILE A 144 5.34 6.36 2.99
C ILE A 144 4.72 4.98 2.77
N LYS A 145 3.90 4.51 3.71
CA LYS A 145 3.49 3.10 3.67
C LYS A 145 2.72 2.72 2.42
N PRO A 146 1.83 3.54 1.86
CA PRO A 146 1.22 3.12 0.58
C PRO A 146 2.25 2.89 -0.52
N ILE A 147 3.32 3.70 -0.57
CA ILE A 147 4.33 3.51 -1.60
C ILE A 147 5.07 2.20 -1.37
N GLN A 148 5.47 1.94 -0.12
CA GLN A 148 6.09 0.67 0.22
C GLN A 148 5.17 -0.51 -0.09
N ARG A 149 3.87 -0.36 0.20
CA ARG A 149 2.96 -1.51 0.06
C ARG A 149 2.98 -2.04 -1.37
N ILE A 150 3.08 -1.15 -2.36
CA ILE A 150 3.05 -1.57 -3.76
C ILE A 150 4.26 -2.42 -4.10
N THR A 151 5.44 -2.05 -3.62
CA THR A 151 6.61 -2.92 -3.79
C THR A 151 6.47 -4.23 -2.99
N LYS A 152 5.75 -4.22 -1.86
CA LYS A 152 5.56 -5.48 -1.14
C LYS A 152 4.71 -6.47 -1.95
N TYR A 153 3.64 -5.98 -2.59
CA TYR A 153 2.81 -6.86 -3.43
C TYR A 153 3.62 -7.48 -4.55
N GLN A 154 4.49 -6.68 -5.17
CA GLN A 154 5.36 -7.18 -6.24
C GLN A 154 6.28 -8.28 -5.72
N LEU A 155 6.95 -8.02 -4.59
CA LEU A 155 7.88 -9.01 -4.08
C LEU A 155 7.16 -10.32 -3.70
N LEU A 156 5.95 -10.21 -3.15
CA LEU A 156 5.19 -11.38 -2.72
C LEU A 156 4.62 -12.15 -3.90
N LEU A 157 4.07 -11.44 -4.87
CA LEU A 157 3.61 -12.07 -6.11
C LEU A 157 4.75 -12.75 -6.85
N LYS A 158 5.96 -12.20 -6.73
CA LYS A 158 7.11 -12.86 -7.34
C LYS A 158 7.44 -14.18 -6.62
N ASP A 159 7.52 -14.16 -5.29
CA ASP A 159 7.66 -15.42 -4.53
C ASP A 159 6.52 -16.39 -4.85
N PHE A 160 5.28 -15.90 -4.91
CA PHE A 160 4.17 -16.76 -5.32
C PHE A 160 4.45 -17.37 -6.69
N LEU A 161 5.11 -16.60 -7.56
CA LEU A 161 5.34 -17.08 -8.92
C LEU A 161 6.35 -18.22 -8.90
N ARG A 162 7.47 -18.01 -8.20
CA ARG A 162 8.49 -19.04 -8.11
C ARG A 162 7.91 -20.34 -7.55
N TYR A 163 7.33 -20.29 -6.34
CA TYR A 163 6.75 -21.50 -5.76
C TYR A 163 5.80 -22.17 -6.75
N SER A 164 4.95 -21.38 -7.40
N SER A 164 4.94 -21.37 -7.40
CA SER A 164 3.98 -21.98 -8.32
CA SER A 164 3.96 -21.94 -8.33
C SER A 164 4.67 -22.60 -9.54
C SER A 164 4.66 -22.59 -9.53
N GLU A 165 5.83 -22.08 -9.92
CA GLU A 165 6.61 -22.71 -10.98
C GLU A 165 7.24 -24.00 -10.48
N LYS A 166 7.78 -24.01 -9.26
CA LYS A 166 8.42 -25.23 -8.76
C LYS A 166 7.39 -26.31 -8.45
N ALA A 167 6.11 -25.95 -8.36
CA ALA A 167 5.02 -26.92 -8.22
C ALA A 167 4.47 -27.37 -9.56
N GLY A 168 5.06 -26.91 -10.66
CA GLY A 168 4.57 -27.24 -11.99
C GLY A 168 3.16 -26.77 -12.29
N LEU A 169 2.80 -25.58 -11.81
CA LEU A 169 1.45 -25.09 -11.99
C LEU A 169 1.37 -24.13 -13.18
N GLU A 170 0.14 -23.94 -13.68
CA GLU A 170 -0.15 -22.95 -14.72
C GLU A 170 0.08 -21.54 -14.15
N CYS A 171 1.14 -20.88 -14.59
CA CYS A 171 1.56 -19.60 -14.03
C CYS A 171 1.18 -18.40 -14.90
N SER A 172 0.31 -18.58 -15.90
CA SER A 172 0.20 -17.54 -16.93
C SER A 172 -0.37 -16.26 -16.35
N ASP A 173 -1.52 -16.35 -15.65
CA ASP A 173 -2.12 -15.15 -15.08
C ASP A 173 -1.29 -14.60 -13.93
N ILE A 174 -0.43 -15.42 -13.31
CA ILE A 174 0.43 -14.93 -12.24
C ILE A 174 1.59 -14.09 -12.80
N GLU A 175 2.11 -14.46 -13.97
CA GLU A 175 3.13 -13.62 -14.61
C GLU A 175 2.58 -12.24 -14.94
N LYS A 176 1.34 -12.19 -15.44
CA LYS A 176 0.74 -10.90 -15.76
C LYS A 176 0.56 -10.09 -14.48
N ALA A 177 0.10 -10.72 -13.40
CA ALA A 177 0.00 -10.03 -12.12
C ALA A 177 1.35 -9.45 -11.69
N VAL A 178 2.42 -10.22 -11.84
CA VAL A 178 3.76 -9.73 -11.48
C VAL A 178 4.16 -8.55 -12.38
N GLU A 179 3.99 -8.71 -13.70
CA GLU A 179 4.38 -7.64 -14.62
C GLU A 179 3.67 -6.34 -14.26
N LEU A 180 2.36 -6.43 -13.99
CA LEU A 180 1.57 -5.28 -13.55
C LEU A 180 2.16 -4.60 -12.32
N MET A 181 2.50 -5.38 -11.30
CA MET A 181 3.03 -4.80 -10.06
C MET A 181 4.52 -4.46 -10.16
N CYS A 182 5.16 -4.74 -11.29
CA CYS A 182 6.43 -4.06 -11.59
C CYS A 182 6.17 -2.68 -12.23
N LEU A 183 5.17 -2.58 -13.09
CA LEU A 183 4.93 -1.33 -13.80
C LEU A 183 4.40 -0.25 -12.86
N VAL A 184 3.57 -0.60 -11.86
CA VAL A 184 3.05 0.43 -10.94
C VAL A 184 4.13 1.13 -10.13
N PRO A 185 5.04 0.42 -9.44
CA PRO A 185 6.13 1.16 -8.77
C PRO A 185 6.93 2.05 -9.71
N LYS A 186 7.16 1.62 -10.95
CA LYS A 186 7.90 2.44 -11.89
C LYS A 186 7.14 3.72 -12.22
N ARG A 187 5.85 3.58 -12.52
CA ARG A 187 5.01 4.75 -12.75
C ARG A 187 4.96 5.64 -11.52
N CYS A 188 4.90 5.02 -10.35
N CYS A 188 4.91 5.02 -10.34
CA CYS A 188 4.92 5.78 -9.11
CA CYS A 188 4.93 5.79 -9.10
C CYS A 188 6.20 6.60 -8.99
C CYS A 188 6.20 6.62 -9.01
N ASN A 189 7.35 6.00 -9.27
CA ASN A 189 8.60 6.73 -9.19
C ASN A 189 8.69 7.81 -10.26
N ASP A 190 8.17 7.54 -11.47
CA ASP A 190 8.15 8.55 -12.52
C ASP A 190 7.35 9.78 -12.09
N MET A 191 6.12 9.56 -11.59
CA MET A 191 5.29 10.68 -11.15
C MET A 191 5.96 11.48 -10.05
N MET A 192 6.48 10.81 -9.03
CA MET A 192 7.18 11.50 -7.97
C MET A 192 8.31 12.35 -8.54
N ASN A 193 9.09 11.78 -9.47
CA ASN A 193 10.22 12.50 -10.03
C ASN A 193 9.76 13.72 -10.82
N LEU A 194 8.63 13.62 -11.51
CA LEU A 194 8.07 14.79 -12.19
C LEU A 194 7.61 15.84 -11.21
N GLY A 195 7.11 15.43 -10.04
CA GLY A 195 6.68 16.40 -9.06
C GLY A 195 7.81 17.14 -8.39
N ARG A 196 9.03 16.61 -8.49
CA ARG A 196 10.21 17.27 -7.96
C ARG A 196 10.65 18.46 -8.83
N LEU A 197 10.15 18.55 -10.07
CA LEU A 197 10.59 19.60 -10.99
C LEU A 197 10.07 20.97 -10.61
N GLN A 198 8.98 21.06 -9.85
CA GLN A 198 8.37 22.35 -9.55
C GLN A 198 7.73 22.31 -8.18
N GLY A 199 7.91 23.38 -7.40
CA GLY A 199 7.26 23.51 -6.11
C GLY A 199 6.49 24.80 -5.95
N PHE A 200 5.95 25.05 -4.76
CA PHE A 200 5.37 26.35 -4.45
C PHE A 200 6.40 27.46 -4.66
#